data_2KPC
#
_entry.id   2KPC
#
_entity_poly.entity_id   1
_entity_poly.type   'polyribonucleotide'
_entity_poly.pdbx_seq_one_letter_code
;UGAGCACAGUUUGCUCA
;
_entity_poly.pdbx_strand_id   A
#